data_7ED9
#
_entry.id   7ED9
#
_cell.length_a   90.740
_cell.length_b   90.740
_cell.length_c   112.600
_cell.angle_alpha   90.000
_cell.angle_beta   90.000
_cell.angle_gamma   90.000
#
_symmetry.space_group_name_H-M   'P 43 21 2'
#
loop_
_entity.id
_entity.type
_entity.pdbx_description
1 polymer 'Probable kinase'
2 non-polymer "ADENOSINE-5'-DIPHOSPHATE"
3 non-polymer 'MAGNESIUM ION'
4 water water
#
_entity_poly.entity_id   1
_entity_poly.type   'polypeptide(L)'
_entity_poly.pdbx_seq_one_letter_code
;MGSSHHHHHHSSGENLYFQGHMAEAWGPEAVAEAFRYATRWFQVYVEELNALNVYPVPDGDTGTNMLHTLEAARRELDLA
DTSRMDQVARALAYGSLLGARGNSGVILSQILRGFAEALKGKRALDGSLLRRALRMGAESGYKAVMRPVEGTILTVARAA
GEGARGEALEEVLETALEAAREALERTPELLPVLRQAGVVDAGGAGYVRLLEGMRGYAL
;
_entity_poly.pdbx_strand_id   A,B
#
# COMPACT_ATOMS: atom_id res chain seq x y z
N GLY A 20 2.49 -30.48 6.79
CA GLY A 20 2.72 -29.35 7.66
C GLY A 20 2.83 -28.03 6.92
N HIS A 21 2.69 -26.94 7.65
CA HIS A 21 2.81 -25.59 7.09
C HIS A 21 4.27 -25.17 7.10
N MET A 22 4.65 -24.40 6.08
CA MET A 22 6.04 -24.04 5.85
C MET A 22 6.42 -22.68 6.42
N ALA A 23 5.47 -21.92 6.94
CA ALA A 23 5.76 -20.65 7.60
C ALA A 23 6.36 -19.64 6.63
N GLU A 24 7.50 -19.97 6.04
CA GLU A 24 8.16 -19.09 5.08
C GLU A 24 8.12 -19.68 3.67
N ALA A 25 6.94 -20.09 3.22
CA ALA A 25 6.76 -20.60 1.86
C ALA A 25 5.28 -20.71 1.55
N TRP A 26 4.91 -20.33 0.33
CA TRP A 26 3.54 -20.41 -0.16
C TRP A 26 3.36 -21.66 -1.00
N GLY A 27 2.31 -22.44 -0.71
CA GLY A 27 1.90 -23.51 -1.59
C GLY A 27 1.18 -22.98 -2.80
N PRO A 28 0.80 -23.90 -3.70
CA PRO A 28 0.12 -23.47 -4.93
C PRO A 28 -1.15 -22.67 -4.69
N GLU A 29 -1.95 -23.06 -3.70
CA GLU A 29 -3.18 -22.33 -3.39
C GLU A 29 -2.86 -20.92 -2.89
N ALA A 30 -1.83 -20.79 -2.06
CA ALA A 30 -1.45 -19.48 -1.53
C ALA A 30 -0.91 -18.57 -2.63
N VAL A 31 -0.18 -19.14 -3.59
CA VAL A 31 0.34 -18.36 -4.70
C VAL A 31 -0.81 -17.79 -5.52
N ALA A 32 -1.83 -18.61 -5.79
CA ALA A 32 -3.01 -18.13 -6.50
C ALA A 32 -3.72 -17.03 -5.72
N GLU A 33 -3.88 -17.23 -4.40
CA GLU A 33 -4.55 -16.23 -3.57
C GLU A 33 -3.77 -14.91 -3.56
N ALA A 34 -2.45 -14.99 -3.56
CA ALA A 34 -1.62 -13.79 -3.56
C ALA A 34 -1.95 -12.88 -4.74
N PHE A 35 -2.05 -13.46 -5.94
CA PHE A 35 -2.37 -12.65 -7.12
C PHE A 35 -3.82 -12.19 -7.12
N ARG A 36 -4.74 -13.00 -6.57
CA ARG A 36 -6.11 -12.52 -6.39
C ARG A 36 -6.13 -11.33 -5.44
N TYR A 37 -5.43 -11.45 -4.31
CA TYR A 37 -5.32 -10.35 -3.36
C TYR A 37 -4.73 -9.11 -4.02
N ALA A 38 -3.61 -9.27 -4.72
CA ALA A 38 -2.96 -8.14 -5.39
C ALA A 38 -3.90 -7.47 -6.39
N THR A 39 -4.74 -8.25 -7.06
CA THR A 39 -5.68 -7.68 -8.03
C THR A 39 -6.72 -6.83 -7.34
N ARG A 40 -7.31 -7.34 -6.25
CA ARG A 40 -8.24 -6.55 -5.46
C ARG A 40 -7.58 -5.27 -4.94
N TRP A 41 -6.33 -5.39 -4.49
CA TRP A 41 -5.57 -4.25 -4.00
C TRP A 41 -5.39 -3.18 -5.07
N PHE A 42 -5.09 -3.61 -6.30
CA PHE A 42 -4.68 -2.70 -7.38
C PHE A 42 -5.75 -1.66 -7.73
N GLN A 43 -7.04 -2.00 -7.59
CA GLN A 43 -8.09 -1.16 -8.16
C GLN A 43 -8.13 0.24 -7.57
N VAL A 44 -7.77 0.39 -6.29
CA VAL A 44 -7.81 1.72 -5.66
C VAL A 44 -6.89 2.70 -6.37
N TYR A 45 -5.81 2.20 -6.97
CA TYR A 45 -4.75 3.05 -7.51
C TYR A 45 -4.87 3.28 -9.02
N VAL A 46 -5.95 2.80 -9.64
CA VAL A 46 -6.08 2.88 -11.09
C VAL A 46 -6.13 4.33 -11.56
N GLU A 47 -7.01 5.13 -10.96
CA GLU A 47 -7.19 6.51 -11.40
C GLU A 47 -5.89 7.30 -11.30
N GLU A 48 -5.12 7.08 -10.23
CA GLU A 48 -3.83 7.76 -10.09
C GLU A 48 -2.86 7.37 -11.21
N LEU A 49 -2.78 6.06 -11.51
CA LEU A 49 -1.87 5.60 -12.55
C LEU A 49 -2.25 6.16 -13.93
N ASN A 50 -3.55 6.26 -14.21
CA ASN A 50 -3.99 6.87 -15.47
C ASN A 50 -3.49 8.31 -15.59
N ALA A 51 -3.59 9.09 -14.51
CA ALA A 51 -3.22 10.50 -14.57
C ALA A 51 -1.72 10.72 -14.70
N LEU A 52 -0.90 9.76 -14.26
CA LEU A 52 0.55 9.87 -14.41
C LEU A 52 1.02 9.62 -15.83
N ASN A 53 0.19 8.99 -16.67
CA ASN A 53 0.61 8.46 -17.96
C ASN A 53 0.99 9.58 -18.91
N VAL A 54 2.29 9.77 -19.13
CA VAL A 54 2.78 10.69 -20.15
C VAL A 54 3.59 9.99 -21.24
N TYR A 55 4.12 8.80 -20.99
CA TYR A 55 4.99 8.10 -21.93
C TYR A 55 4.42 6.74 -22.32
N PRO A 56 4.46 6.39 -23.62
CA PRO A 56 5.00 7.21 -24.72
C PRO A 56 4.04 8.28 -25.20
N VAL A 57 2.76 8.15 -24.85
CA VAL A 57 1.76 9.19 -25.14
C VAL A 57 0.90 9.41 -23.91
N PRO A 58 0.49 10.67 -23.69
CA PRO A 58 -0.34 10.98 -22.49
C PRO A 58 -1.83 10.78 -22.75
N ASP A 59 -2.24 9.51 -22.80
CA ASP A 59 -3.63 9.16 -23.07
C ASP A 59 -4.32 8.56 -21.85
N GLY A 60 -3.71 8.67 -20.67
CA GLY A 60 -4.40 8.41 -19.41
C GLY A 60 -5.03 7.04 -19.25
N ASP A 61 -4.30 5.98 -19.57
CA ASP A 61 -4.89 4.64 -19.52
C ASP A 61 -3.97 3.58 -18.91
N THR A 62 -2.83 3.96 -18.32
CA THR A 62 -1.90 2.95 -17.82
C THR A 62 -2.54 2.11 -16.71
N GLY A 63 -3.26 2.75 -15.78
CA GLY A 63 -3.88 2.00 -14.71
C GLY A 63 -4.96 1.07 -15.20
N THR A 64 -5.81 1.55 -16.12
CA THR A 64 -6.85 0.70 -16.70
C THR A 64 -6.24 -0.48 -17.46
N ASN A 65 -5.19 -0.22 -18.24
CA ASN A 65 -4.55 -1.29 -19.01
C ASN A 65 -3.97 -2.37 -18.11
N MET A 66 -3.26 -1.96 -17.06
CA MET A 66 -2.64 -2.92 -16.16
C MET A 66 -3.67 -3.70 -15.35
N LEU A 67 -4.76 -3.05 -14.96
CA LEU A 67 -5.79 -3.74 -14.19
C LEU A 67 -6.50 -4.81 -15.02
N HIS A 68 -6.84 -4.49 -16.27
CA HIS A 68 -7.46 -5.47 -17.15
C HIS A 68 -6.55 -6.67 -17.35
N THR A 69 -5.24 -6.45 -17.42
CA THR A 69 -4.29 -7.55 -17.50
C THR A 69 -4.36 -8.43 -16.26
N LEU A 70 -4.36 -7.81 -15.07
CA LEU A 70 -4.44 -8.58 -13.83
C LEU A 70 -5.77 -9.31 -13.70
N GLU A 71 -6.87 -8.64 -14.06
CA GLU A 71 -8.19 -9.26 -13.90
C GLU A 71 -8.34 -10.50 -14.78
N ALA A 72 -7.74 -10.50 -15.97
CA ALA A 72 -7.82 -11.68 -16.83
C ALA A 72 -7.00 -12.83 -16.27
N ALA A 73 -5.87 -12.52 -15.65
CA ALA A 73 -5.10 -13.54 -14.94
C ALA A 73 -5.92 -14.16 -13.82
N ARG A 74 -6.68 -13.35 -13.09
CA ARG A 74 -7.49 -13.86 -11.99
C ARG A 74 -8.61 -14.74 -12.50
N ARG A 75 -9.30 -14.31 -13.56
CA ARG A 75 -10.36 -15.12 -14.15
C ARG A 75 -9.84 -16.49 -14.57
N GLU A 76 -8.63 -16.54 -15.13
CA GLU A 76 -8.06 -17.82 -15.53
C GLU A 76 -7.70 -18.68 -14.32
N LEU A 77 -7.15 -18.06 -13.27
CA LEU A 77 -6.83 -18.81 -12.06
C LEU A 77 -8.08 -19.43 -11.44
N ASP A 78 -9.20 -18.71 -11.47
CA ASP A 78 -10.43 -19.24 -10.91
C ASP A 78 -10.95 -20.46 -11.68
N LEU A 79 -10.55 -20.63 -12.93
CA LEU A 79 -10.95 -21.79 -13.72
C LEU A 79 -9.97 -22.95 -13.61
N ALA A 80 -8.79 -22.73 -13.03
CA ALA A 80 -7.73 -23.73 -12.99
C ALA A 80 -7.75 -24.51 -11.67
N ASP A 81 -7.07 -25.66 -11.70
CA ASP A 81 -6.81 -26.46 -10.51
C ASP A 81 -5.62 -25.84 -9.78
N THR A 82 -5.90 -24.93 -8.87
CA THR A 82 -4.87 -24.21 -8.13
C THR A 82 -4.23 -25.05 -7.03
N SER A 83 -4.50 -26.36 -6.99
CA SER A 83 -3.77 -27.24 -6.09
C SER A 83 -2.45 -27.71 -6.69
N ARG A 84 -2.21 -27.45 -7.97
CA ARG A 84 -0.96 -27.80 -8.63
C ARG A 84 -0.24 -26.52 -9.04
N MET A 85 1.04 -26.43 -8.71
CA MET A 85 1.80 -25.22 -8.99
C MET A 85 1.92 -24.97 -10.50
N ASP A 86 2.07 -26.05 -11.28
CA ASP A 86 2.20 -25.89 -12.72
C ASP A 86 0.91 -25.39 -13.37
N GLN A 87 -0.24 -25.63 -12.74
CA GLN A 87 -1.48 -25.08 -13.25
C GLN A 87 -1.68 -23.63 -12.84
N VAL A 88 -1.18 -23.25 -11.66
CA VAL A 88 -1.20 -21.85 -11.25
C VAL A 88 -0.33 -21.02 -12.19
N ALA A 89 0.85 -21.53 -12.53
CA ALA A 89 1.75 -20.82 -13.44
C ALA A 89 1.14 -20.70 -14.82
N ARG A 90 0.51 -21.77 -15.31
CA ARG A 90 -0.11 -21.74 -16.63
C ARG A 90 -1.22 -20.69 -16.70
N ALA A 91 -2.09 -20.66 -15.69
CA ALA A 91 -3.18 -19.70 -15.67
C ALA A 91 -2.66 -18.27 -15.60
N LEU A 92 -1.58 -18.05 -14.86
CA LEU A 92 -1.03 -16.71 -14.71
C LEU A 92 -0.49 -16.17 -16.04
N ALA A 93 0.30 -17.00 -16.74
CA ALA A 93 0.82 -16.59 -18.04
C ALA A 93 -0.28 -16.46 -19.08
N TYR A 94 -1.12 -17.49 -19.21
CA TYR A 94 -2.10 -17.53 -20.29
C TYR A 94 -3.16 -16.44 -20.13
N GLY A 95 -3.68 -16.28 -18.91
CA GLY A 95 -4.67 -15.25 -18.66
C GLY A 95 -4.14 -13.85 -18.91
N SER A 96 -2.93 -13.56 -18.40
CA SER A 96 -2.37 -12.22 -18.54
C SER A 96 -2.12 -11.85 -20.01
N LEU A 97 -1.71 -12.82 -20.84
CA LEU A 97 -1.51 -12.53 -22.25
C LEU A 97 -2.82 -12.11 -22.92
N LEU A 98 -3.88 -12.89 -22.72
CA LEU A 98 -5.16 -12.58 -23.37
C LEU A 98 -5.70 -11.22 -22.92
N GLY A 99 -5.62 -10.93 -21.63
CA GLY A 99 -6.13 -9.68 -21.10
C GLY A 99 -5.23 -8.48 -21.23
N ALA A 100 -3.98 -8.68 -21.65
CA ALA A 100 -3.04 -7.58 -21.82
C ALA A 100 -3.62 -6.50 -22.72
N ARG A 101 -3.52 -5.25 -22.26
CA ARG A 101 -3.92 -4.09 -23.03
C ARG A 101 -2.83 -3.03 -22.96
N GLY A 102 -2.55 -2.39 -24.10
CA GLY A 102 -1.54 -1.34 -24.15
C GLY A 102 -0.14 -1.86 -23.90
N ASN A 103 0.82 -0.93 -23.95
CA ASN A 103 2.22 -1.26 -23.73
C ASN A 103 2.44 -1.83 -22.33
N SER A 104 1.82 -1.22 -21.32
CA SER A 104 2.03 -1.67 -19.95
C SER A 104 1.44 -3.07 -19.73
N GLY A 105 0.28 -3.34 -20.33
CA GLY A 105 -0.32 -4.66 -20.17
C GLY A 105 0.49 -5.76 -20.84
N VAL A 106 0.98 -5.50 -22.06
CA VAL A 106 1.80 -6.48 -22.76
C VAL A 106 3.07 -6.77 -21.97
N ILE A 107 3.75 -5.72 -21.51
CA ILE A 107 4.98 -5.90 -20.75
C ILE A 107 4.70 -6.64 -19.44
N LEU A 108 3.64 -6.24 -18.73
CA LEU A 108 3.27 -6.92 -17.49
C LEU A 108 2.98 -8.40 -17.72
N SER A 109 2.27 -8.72 -18.81
CA SER A 109 1.96 -10.12 -19.10
C SER A 109 3.22 -10.93 -19.33
N GLN A 110 4.24 -10.32 -19.95
CA GLN A 110 5.49 -11.02 -20.19
C GLN A 110 6.35 -11.09 -18.95
N ILE A 111 6.25 -10.10 -18.06
CA ILE A 111 6.88 -10.22 -16.75
C ILE A 111 6.27 -11.38 -15.98
N LEU A 112 4.94 -11.49 -15.99
CA LEU A 112 4.27 -12.60 -15.33
C LEU A 112 4.60 -13.94 -15.97
N ARG A 113 4.88 -13.95 -17.27
CA ARG A 113 5.27 -15.20 -17.91
C ARG A 113 6.62 -15.69 -17.40
N GLY A 114 7.58 -14.78 -17.24
CA GLY A 114 8.85 -15.17 -16.64
C GLY A 114 8.70 -15.58 -15.19
N PHE A 115 7.83 -14.88 -14.45
CA PHE A 115 7.52 -15.29 -13.08
C PHE A 115 6.96 -16.70 -13.04
N ALA A 116 5.98 -16.98 -13.91
CA ALA A 116 5.42 -18.33 -13.99
C ALA A 116 6.48 -19.36 -14.36
N GLU A 117 7.41 -19.00 -15.26
CA GLU A 117 8.46 -19.93 -15.66
C GLU A 117 9.28 -20.40 -14.47
N ALA A 118 9.58 -19.49 -13.54
CA ALA A 118 10.32 -19.87 -12.34
C ALA A 118 9.50 -20.81 -11.45
N LEU A 119 8.17 -20.71 -11.49
CA LEU A 119 7.35 -21.58 -10.67
C LEU A 119 7.19 -22.97 -11.26
N LYS A 120 7.40 -23.12 -12.57
CA LYS A 120 7.26 -24.42 -13.22
C LYS A 120 8.30 -25.39 -12.67
N GLY A 121 7.85 -26.58 -12.28
CA GLY A 121 8.75 -27.58 -11.73
C GLY A 121 9.00 -27.46 -10.25
N LYS A 122 8.39 -26.49 -9.57
CA LYS A 122 8.57 -26.29 -8.14
C LYS A 122 7.27 -26.55 -7.42
N ARG A 123 7.39 -26.91 -6.13
CA ARG A 123 6.24 -27.26 -5.32
C ARG A 123 5.81 -26.17 -4.35
N ALA A 124 6.72 -25.26 -4.00
CA ALA A 124 6.38 -24.18 -3.10
C ALA A 124 7.22 -22.96 -3.48
N LEU A 125 6.71 -21.79 -3.12
CA LEU A 125 7.43 -20.53 -3.35
C LEU A 125 7.95 -20.05 -2.02
N ASP A 126 9.26 -20.14 -1.84
CA ASP A 126 9.95 -19.62 -0.67
C ASP A 126 10.68 -18.34 -1.06
N GLY A 127 11.38 -17.75 -0.09
CA GLY A 127 12.10 -16.52 -0.36
C GLY A 127 13.07 -16.66 -1.52
N SER A 128 13.81 -17.78 -1.54
CA SER A 128 14.83 -17.96 -2.58
C SER A 128 14.22 -18.05 -3.97
N LEU A 129 13.10 -18.77 -4.10
CA LEU A 129 12.43 -18.85 -5.40
C LEU A 129 11.80 -17.52 -5.79
N LEU A 130 11.32 -16.74 -4.81
CA LEU A 130 10.72 -15.45 -5.12
C LEU A 130 11.74 -14.49 -5.72
N ARG A 131 12.97 -14.49 -5.19
CA ARG A 131 14.06 -13.74 -5.83
C ARG A 131 14.22 -14.16 -7.28
N ARG A 132 14.39 -15.45 -7.52
CA ARG A 132 14.53 -15.97 -8.87
C ARG A 132 13.34 -15.60 -9.75
N ALA A 133 12.13 -15.70 -9.20
CA ALA A 133 10.93 -15.38 -9.98
C ALA A 133 10.91 -13.90 -10.37
N LEU A 134 11.23 -13.01 -9.44
CA LEU A 134 11.26 -11.59 -9.75
C LEU A 134 12.35 -11.26 -10.76
N ARG A 135 13.50 -11.92 -10.66
CA ARG A 135 14.58 -11.67 -11.62
C ARG A 135 14.23 -12.21 -13.00
N MET A 136 13.66 -13.41 -13.07
CA MET A 136 13.28 -13.98 -14.36
C MET A 136 12.13 -13.20 -14.99
N GLY A 137 11.21 -12.73 -14.16
CA GLY A 137 10.14 -11.87 -14.66
C GLY A 137 10.67 -10.62 -15.35
N ALA A 138 11.62 -9.93 -14.70
CA ALA A 138 12.17 -8.71 -15.27
C ALA A 138 12.89 -8.98 -16.60
N GLU A 139 13.68 -10.06 -16.66
CA GLU A 139 14.37 -10.39 -17.90
C GLU A 139 13.39 -10.73 -19.01
N SER A 140 12.34 -11.50 -18.69
CA SER A 140 11.34 -11.84 -19.71
C SER A 140 10.64 -10.59 -20.24
N GLY A 141 10.32 -9.65 -19.35
CA GLY A 141 9.73 -8.39 -19.80
C GLY A 141 10.69 -7.60 -20.68
N TYR A 142 11.98 -7.63 -20.35
CA TYR A 142 12.96 -6.88 -21.14
C TYR A 142 13.14 -7.48 -22.52
N LYS A 143 13.21 -8.81 -22.61
CA LYS A 143 13.34 -9.48 -23.90
C LYS A 143 12.10 -9.29 -24.77
N ALA A 144 10.93 -9.08 -24.14
CA ALA A 144 9.69 -8.99 -24.90
C ALA A 144 9.59 -7.68 -25.67
N VAL A 145 10.10 -6.59 -25.12
CA VAL A 145 10.03 -5.29 -25.76
C VAL A 145 11.04 -5.24 -26.91
N MET A 146 10.59 -4.77 -28.07
CA MET A 146 11.47 -4.75 -29.24
C MET A 146 12.62 -3.76 -29.04
N ARG A 147 12.32 -2.56 -28.56
CA ARG A 147 13.34 -1.56 -28.24
C ARG A 147 13.10 -1.03 -26.84
N PRO A 148 13.66 -1.68 -25.82
CA PRO A 148 13.46 -1.22 -24.44
C PRO A 148 13.98 0.19 -24.20
N VAL A 149 13.33 0.89 -23.29
CA VAL A 149 13.73 2.22 -22.85
C VAL A 149 13.81 2.23 -21.33
N GLU A 150 14.84 2.88 -20.79
CA GLU A 150 15.07 2.93 -19.36
C GLU A 150 14.30 4.08 -18.72
N GLY A 151 14.19 4.01 -17.39
CA GLY A 151 13.32 4.91 -16.67
C GLY A 151 11.88 4.49 -16.68
N THR A 152 11.63 3.18 -16.82
CA THR A 152 10.30 2.66 -17.09
C THR A 152 9.98 1.48 -16.18
N ILE A 153 8.87 0.78 -16.46
CA ILE A 153 8.54 -0.45 -15.77
C ILE A 153 9.68 -1.46 -15.84
N LEU A 154 10.44 -1.46 -16.95
CA LEU A 154 11.56 -2.40 -17.05
C LEU A 154 12.65 -2.07 -16.04
N THR A 155 12.95 -0.79 -15.86
CA THR A 155 13.96 -0.40 -14.86
C THR A 155 13.49 -0.74 -13.46
N VAL A 156 12.21 -0.50 -13.17
CA VAL A 156 11.68 -0.76 -11.82
C VAL A 156 11.62 -2.26 -11.54
N ALA A 157 11.18 -3.05 -12.52
CA ALA A 157 11.10 -4.50 -12.33
C ALA A 157 12.47 -5.11 -12.14
N ARG A 158 13.47 -4.61 -12.87
CA ARG A 158 14.82 -5.14 -12.72
C ARG A 158 15.40 -4.84 -11.35
N ALA A 159 15.22 -3.60 -10.87
CA ALA A 159 15.70 -3.24 -9.54
C ALA A 159 15.06 -4.09 -8.46
N ALA A 160 13.77 -4.40 -8.60
CA ALA A 160 13.09 -5.22 -7.60
C ALA A 160 13.72 -6.60 -7.50
N GLY A 161 14.02 -7.24 -8.63
CA GLY A 161 14.67 -8.53 -8.61
C GLY A 161 16.09 -8.46 -8.09
N GLU A 162 16.84 -7.46 -8.53
CA GLU A 162 18.22 -7.29 -8.05
C GLU A 162 18.26 -7.05 -6.55
N GLY A 163 17.33 -6.25 -6.04
CA GLY A 163 17.34 -5.88 -4.64
C GLY A 163 16.61 -6.81 -3.70
N ALA A 164 15.99 -7.88 -4.21
CA ALA A 164 15.32 -8.83 -3.34
C ALA A 164 16.36 -9.64 -2.58
N ARG A 165 16.36 -9.52 -1.25
CA ARG A 165 17.33 -10.21 -0.41
C ARG A 165 16.59 -10.93 0.69
N GLY A 166 17.21 -11.96 1.24
CA GLY A 166 16.70 -12.67 2.39
C GLY A 166 16.24 -14.07 2.04
N GLU A 167 15.89 -14.82 3.10
CA GLU A 167 15.38 -16.18 2.97
C GLU A 167 13.89 -16.30 3.23
N ALA A 168 13.34 -15.51 4.15
CA ALA A 168 11.90 -15.49 4.39
C ALA A 168 11.20 -14.65 3.34
N LEU A 169 9.99 -15.09 2.94
CA LEU A 169 9.18 -14.33 1.98
C LEU A 169 9.07 -12.85 2.36
N GLU A 170 8.75 -12.57 3.62
CA GLU A 170 8.44 -11.19 4.01
C GLU A 170 9.64 -10.28 3.82
N GLU A 171 10.83 -10.76 4.17
CA GLU A 171 12.03 -9.95 3.97
C GLU A 171 12.33 -9.77 2.49
N VAL A 172 12.11 -10.82 1.69
CA VAL A 172 12.34 -10.72 0.25
C VAL A 172 11.40 -9.69 -0.37
N LEU A 173 10.12 -9.74 -0.02
CA LEU A 173 9.16 -8.79 -0.57
C LEU A 173 9.46 -7.38 -0.08
N GLU A 174 9.86 -7.23 1.19
CA GLU A 174 10.18 -5.92 1.72
C GLU A 174 11.36 -5.30 0.99
N THR A 175 12.44 -6.06 0.82
CA THR A 175 13.64 -5.52 0.17
C THR A 175 13.38 -5.28 -1.32
N ALA A 176 12.65 -6.18 -1.97
CA ALA A 176 12.30 -5.97 -3.37
C ALA A 176 11.46 -4.70 -3.54
N LEU A 177 10.47 -4.51 -2.67
CA LEU A 177 9.63 -3.32 -2.75
C LEU A 177 10.43 -2.04 -2.54
N GLU A 178 11.34 -2.06 -1.56
CA GLU A 178 12.14 -0.87 -1.28
C GLU A 178 13.06 -0.53 -2.45
N ALA A 179 13.65 -1.54 -3.09
CA ALA A 179 14.47 -1.29 -4.27
C ALA A 179 13.64 -0.79 -5.43
N ALA A 180 12.40 -1.29 -5.57
CA ALA A 180 11.53 -0.83 -6.65
C ALA A 180 11.11 0.62 -6.43
N ARG A 181 10.74 0.97 -5.19
CA ARG A 181 10.37 2.36 -4.90
CA ARG A 181 10.37 2.35 -4.91
C ARG A 181 11.54 3.31 -5.14
N GLU A 182 12.75 2.87 -4.82
CA GLU A 182 13.92 3.71 -5.04
C GLU A 182 14.18 3.93 -6.52
N ALA A 183 14.06 2.88 -7.33
CA ALA A 183 14.22 3.03 -8.78
C ALA A 183 13.11 3.89 -9.37
N LEU A 184 11.88 3.76 -8.85
CA LEU A 184 10.76 4.55 -9.36
C LEU A 184 11.02 6.04 -9.19
N GLU A 185 11.53 6.45 -8.02
CA GLU A 185 11.84 7.86 -7.79
C GLU A 185 12.91 8.39 -8.74
N ARG A 186 13.74 7.51 -9.30
CA ARG A 186 14.80 7.92 -10.20
C ARG A 186 14.39 7.95 -11.67
N THR A 187 13.17 7.50 -11.99
CA THR A 187 12.77 7.44 -13.39
C THR A 187 12.79 8.79 -14.10
N PRO A 188 12.40 9.92 -13.51
CA PRO A 188 12.54 11.20 -14.23
C PRO A 188 13.98 11.61 -14.46
N GLU A 189 14.94 11.05 -13.71
CA GLU A 189 16.34 11.35 -13.96
C GLU A 189 16.82 10.72 -15.25
N LEU A 190 16.18 9.65 -15.70
CA LEU A 190 16.58 8.92 -16.90
C LEU A 190 15.75 9.26 -18.13
N LEU A 191 14.50 9.68 -17.96
CA LEU A 191 13.58 9.87 -19.08
C LEU A 191 13.09 11.31 -19.08
N PRO A 192 13.61 12.16 -19.98
CA PRO A 192 13.30 13.60 -19.92
C PRO A 192 11.81 13.94 -19.96
N VAL A 193 11.01 13.17 -20.71
CA VAL A 193 9.58 13.47 -20.79
C VAL A 193 8.93 13.38 -19.42
N LEU A 194 9.45 12.52 -18.53
CA LEU A 194 8.93 12.44 -17.18
C LEU A 194 9.34 13.66 -16.37
N ARG A 195 10.60 14.09 -16.51
CA ARG A 195 11.09 15.27 -15.81
C ARG A 195 10.32 16.51 -16.21
N GLN A 196 10.12 16.68 -17.52
CA GLN A 196 9.40 17.86 -18.02
C GLN A 196 7.97 17.91 -17.52
N ALA A 197 7.33 16.75 -17.36
CA ALA A 197 5.96 16.71 -16.84
C ALA A 197 5.90 16.63 -15.32
N GLY A 198 7.03 16.41 -14.65
CA GLY A 198 7.06 16.38 -13.21
C GLY A 198 6.46 15.14 -12.59
N VAL A 199 6.51 14.01 -13.28
CA VAL A 199 5.93 12.76 -12.79
C VAL A 199 6.99 11.66 -12.82
N VAL A 200 6.71 10.59 -12.08
CA VAL A 200 7.45 9.33 -12.23
C VAL A 200 6.74 8.49 -13.27
N ASP A 201 7.37 7.39 -13.68
CA ASP A 201 6.80 6.55 -14.74
C ASP A 201 5.55 5.83 -14.25
N ALA A 202 4.47 5.95 -15.03
CA ALA A 202 3.20 5.33 -14.66
C ALA A 202 3.31 3.81 -14.62
N GLY A 203 3.95 3.22 -15.63
CA GLY A 203 4.10 1.78 -15.66
C GLY A 203 4.89 1.24 -14.48
N GLY A 204 6.03 1.88 -14.18
CA GLY A 204 6.80 1.48 -13.02
C GLY A 204 6.05 1.66 -11.71
N ALA A 205 5.24 2.73 -11.63
CA ALA A 205 4.42 2.94 -10.43
C ALA A 205 3.38 1.84 -10.28
N GLY A 206 2.81 1.37 -11.39
CA GLY A 206 1.91 0.24 -11.33
C GLY A 206 2.56 -1.02 -10.79
N TYR A 207 3.81 -1.25 -11.17
CA TYR A 207 4.53 -2.42 -10.66
C TYR A 207 4.79 -2.31 -9.17
N VAL A 208 5.07 -1.10 -8.68
CA VAL A 208 5.21 -0.87 -7.25
C VAL A 208 3.92 -1.24 -6.53
N ARG A 209 2.78 -0.78 -7.07
CA ARG A 209 1.49 -1.11 -6.45
C ARG A 209 1.23 -2.61 -6.46
N LEU A 210 1.70 -3.32 -7.49
CA LEU A 210 1.55 -4.77 -7.51
C LEU A 210 2.39 -5.44 -6.43
N LEU A 211 3.64 -5.01 -6.26
CA LEU A 211 4.48 -5.54 -5.19
C LEU A 211 3.91 -5.18 -3.82
N GLU A 212 3.35 -3.97 -3.69
CA GLU A 212 2.72 -3.56 -2.45
C GLU A 212 1.58 -4.51 -2.07
N GLY A 213 0.74 -4.86 -3.05
CA GLY A 213 -0.32 -5.81 -2.78
C GLY A 213 0.18 -7.18 -2.34
N MET A 214 1.27 -7.65 -2.97
CA MET A 214 1.84 -8.93 -2.57
C MET A 214 2.38 -8.88 -1.14
N ARG A 215 3.02 -7.78 -0.76
CA ARG A 215 3.45 -7.64 0.63
C ARG A 215 2.27 -7.65 1.58
N GLY A 216 1.17 -7.01 1.19
CA GLY A 216 -0.01 -6.98 2.03
C GLY A 216 -0.59 -8.37 2.28
N TYR A 217 -0.56 -9.23 1.25
CA TYR A 217 -1.01 -10.61 1.42
C TYR A 217 -0.11 -11.36 2.39
N ALA A 218 1.21 -11.17 2.28
CA ALA A 218 2.15 -11.92 3.10
C ALA A 218 2.22 -11.41 4.54
N LEU A 219 1.78 -10.18 4.78
CA LEU A 219 1.86 -9.58 6.10
C LEU A 219 0.75 -10.11 7.02
N ALA B 25 -17.46 -8.20 10.88
CA ALA B 25 -17.19 -7.42 12.08
C ALA B 25 -15.98 -7.96 12.82
N TRP B 26 -15.16 -7.05 13.35
CA TRP B 26 -13.96 -7.41 14.09
C TRP B 26 -14.25 -7.41 15.59
N GLY B 27 -13.89 -8.50 16.25
CA GLY B 27 -13.88 -8.53 17.69
C GLY B 27 -12.68 -7.80 18.24
N PRO B 28 -12.59 -7.77 19.58
CA PRO B 28 -11.47 -7.06 20.22
C PRO B 28 -10.10 -7.56 19.75
N GLU B 29 -9.95 -8.87 19.57
CA GLU B 29 -8.68 -9.42 19.12
C GLU B 29 -8.33 -8.94 17.71
N ALA B 30 -9.31 -8.93 16.81
CA ALA B 30 -9.06 -8.50 15.43
C ALA B 30 -8.73 -7.01 15.36
N VAL B 31 -9.38 -6.20 16.20
CA VAL B 31 -9.10 -4.76 16.21
C VAL B 31 -7.65 -4.52 16.63
N ALA B 32 -7.18 -5.24 17.65
CA ALA B 32 -5.78 -5.15 18.04
C ALA B 32 -4.86 -5.60 16.92
N GLU B 33 -5.20 -6.72 16.26
CA GLU B 33 -4.37 -7.22 15.16
C GLU B 33 -4.32 -6.22 14.01
N ALA B 34 -5.44 -5.54 13.74
CA ALA B 34 -5.48 -4.55 12.67
C ALA B 34 -4.42 -3.47 12.87
N PHE B 35 -4.32 -2.94 14.09
CA PHE B 35 -3.33 -1.89 14.36
C PHE B 35 -1.92 -2.45 14.42
N ARG B 36 -1.74 -3.69 14.87
CA ARG B 36 -0.42 -4.32 14.78
C ARG B 36 -0.01 -4.48 13.32
N TYR B 37 -0.92 -5.00 12.49
CA TYR B 37 -0.66 -5.13 11.07
C TYR B 37 -0.33 -3.78 10.44
N ALA B 38 -1.16 -2.76 10.71
CA ALA B 38 -0.92 -1.43 10.15
C ALA B 38 0.43 -0.86 10.59
N THR B 39 0.86 -1.17 11.82
CA THR B 39 2.15 -0.70 12.30
C THR B 39 3.29 -1.36 11.52
N ARG B 40 3.22 -2.67 11.33
CA ARG B 40 4.21 -3.36 10.50
C ARG B 40 4.22 -2.81 9.08
N TRP B 41 3.05 -2.52 8.53
CA TRP B 41 2.94 -1.94 7.19
C TRP B 41 3.64 -0.58 7.13
N PHE B 42 3.44 0.24 8.17
CA PHE B 42 3.91 1.63 8.17
C PHE B 42 5.42 1.74 8.02
N GLN B 43 6.18 0.75 8.51
CA GLN B 43 7.63 0.91 8.66
C GLN B 43 8.34 1.14 7.33
N VAL B 44 7.84 0.56 6.24
CA VAL B 44 8.49 0.71 4.94
C VAL B 44 8.51 2.18 4.50
N TYR B 45 7.52 2.96 4.92
CA TYR B 45 7.29 4.30 4.38
C TYR B 45 7.89 5.42 5.24
N VAL B 46 8.66 5.07 6.28
CA VAL B 46 9.15 6.09 7.21
C VAL B 46 10.04 7.10 6.50
N GLU B 47 11.05 6.60 5.77
CA GLU B 47 12.01 7.49 5.12
C GLU B 47 11.34 8.43 4.12
N GLU B 48 10.36 7.93 3.37
CA GLU B 48 9.66 8.77 2.41
C GLU B 48 8.88 9.87 3.12
N LEU B 49 8.19 9.53 4.21
CA LEU B 49 7.45 10.53 4.97
C LEU B 49 8.38 11.57 5.57
N ASN B 50 9.55 11.15 6.06
CA ASN B 50 10.54 12.09 6.57
C ASN B 50 10.96 13.09 5.51
N ALA B 51 11.21 12.62 4.29
CA ALA B 51 11.69 13.52 3.23
C ALA B 51 10.61 14.51 2.78
N LEU B 52 9.33 14.18 2.97
CA LEU B 52 8.27 15.11 2.63
C LEU B 52 8.12 16.24 3.63
N ASN B 53 8.66 16.08 4.85
CA ASN B 53 8.37 16.97 5.96
C ASN B 53 8.99 18.35 5.71
N VAL B 54 8.14 19.31 5.33
CA VAL B 54 8.56 20.71 5.25
C VAL B 54 7.78 21.62 6.19
N TYR B 55 6.60 21.21 6.65
CA TYR B 55 5.72 22.08 7.43
C TYR B 55 5.45 21.46 8.81
N PRO B 56 5.49 22.27 9.87
CA PRO B 56 5.74 23.72 9.90
C PRO B 56 7.23 24.08 9.82
N VAL B 57 8.10 23.11 10.05
CA VAL B 57 9.53 23.31 9.88
C VAL B 57 10.09 22.12 9.11
N PRO B 58 11.07 22.32 8.24
CA PRO B 58 11.61 21.21 7.43
C PRO B 58 12.73 20.45 8.16
N ASP B 59 12.34 19.66 9.16
CA ASP B 59 13.31 18.90 9.94
C ASP B 59 13.22 17.40 9.70
N GLY B 60 12.46 16.97 8.69
CA GLY B 60 12.51 15.60 8.20
C GLY B 60 12.25 14.49 9.19
N ASP B 61 11.20 14.60 10.00
CA ASP B 61 10.98 13.60 11.05
C ASP B 61 9.53 13.13 11.18
N THR B 62 8.64 13.49 10.25
CA THR B 62 7.23 13.13 10.40
C THR B 62 7.04 11.62 10.42
N GLY B 63 7.75 10.89 9.54
CA GLY B 63 7.61 9.44 9.52
C GLY B 63 8.10 8.79 10.79
N THR B 64 9.26 9.24 11.29
CA THR B 64 9.78 8.71 12.55
C THR B 64 8.83 9.01 13.71
N ASN B 65 8.31 10.25 13.77
CA ASN B 65 7.42 10.64 14.86
C ASN B 65 6.14 9.81 14.86
N MET B 66 5.53 9.64 13.68
CA MET B 66 4.28 8.89 13.60
C MET B 66 4.49 7.41 13.90
N LEU B 67 5.64 6.86 13.49
CA LEU B 67 5.91 5.45 13.75
C LEU B 67 6.10 5.18 15.24
N HIS B 68 6.83 6.06 15.93
CA HIS B 68 6.98 5.91 17.38
C HIS B 68 5.64 5.98 18.09
N THR B 69 4.73 6.83 17.60
CA THR B 69 3.38 6.88 18.15
C THR B 69 2.67 5.54 17.98
N LEU B 70 2.72 4.98 16.77
CA LEU B 70 2.08 3.70 16.51
C LEU B 70 2.72 2.57 17.31
N GLU B 71 4.05 2.54 17.38
CA GLU B 71 4.72 1.45 18.09
C GLU B 71 4.39 1.44 19.58
N ALA B 72 4.20 2.62 20.17
CA ALA B 72 3.84 2.67 21.59
C ALA B 72 2.42 2.18 21.81
N ALA B 73 1.52 2.45 20.87
CA ALA B 73 0.18 1.86 20.93
C ALA B 73 0.25 0.34 20.86
N ARG B 74 1.13 -0.20 20.01
CA ARG B 74 1.24 -1.65 19.87
C ARG B 74 1.82 -2.28 21.13
N ARG B 75 2.87 -1.68 21.70
CA ARG B 75 3.44 -2.18 22.94
C ARG B 75 2.39 -2.23 24.05
N GLU B 76 1.53 -1.21 24.10
CA GLU B 76 0.46 -1.20 25.10
C GLU B 76 -0.58 -2.28 24.79
N LEU B 77 -0.91 -2.48 23.51
CA LEU B 77 -1.83 -3.55 23.15
C LEU B 77 -1.29 -4.91 23.54
N ASP B 78 0.02 -5.12 23.39
CA ASP B 78 0.62 -6.39 23.77
C ASP B 78 0.55 -6.64 25.27
N LEU B 79 0.43 -5.58 26.08
CA LEU B 79 0.32 -5.72 27.52
C LEU B 79 -1.12 -5.78 28.02
N ALA B 80 -2.09 -5.48 27.17
CA ALA B 80 -3.47 -5.40 27.61
C ALA B 80 -4.20 -6.72 27.35
N ASP B 81 -5.33 -6.89 28.03
CA ASP B 81 -6.24 -8.00 27.79
C ASP B 81 -7.05 -7.65 26.55
N THR B 82 -6.52 -8.03 25.38
CA THR B 82 -7.14 -7.70 24.10
C THR B 82 -8.36 -8.57 23.79
N SER B 83 -8.85 -9.34 24.76
CA SER B 83 -10.13 -10.02 24.61
C SER B 83 -11.31 -9.13 24.96
N ARG B 84 -11.07 -7.96 25.54
CA ARG B 84 -12.11 -6.99 25.89
C ARG B 84 -11.92 -5.73 25.07
N MET B 85 -13.02 -5.26 24.46
CA MET B 85 -12.94 -4.09 23.59
C MET B 85 -12.56 -2.84 24.37
N ASP B 86 -13.04 -2.71 25.62
CA ASP B 86 -12.71 -1.52 26.40
C ASP B 86 -11.23 -1.48 26.76
N GLN B 87 -10.58 -2.65 26.88
CA GLN B 87 -9.14 -2.67 27.10
C GLN B 87 -8.37 -2.38 25.83
N VAL B 88 -8.89 -2.80 24.67
CA VAL B 88 -8.25 -2.45 23.42
C VAL B 88 -8.34 -0.94 23.17
N ALA B 89 -9.49 -0.34 23.44
CA ALA B 89 -9.66 1.09 23.23
C ALA B 89 -8.78 1.89 24.18
N ARG B 90 -8.72 1.48 25.46
CA ARG B 90 -7.87 2.18 26.42
C ARG B 90 -6.40 2.10 26.03
N ALA B 91 -5.94 0.91 25.65
CA ALA B 91 -4.54 0.74 25.24
C ALA B 91 -4.22 1.57 24.01
N LEU B 92 -5.16 1.68 23.08
CA LEU B 92 -4.92 2.45 21.85
C LEU B 92 -4.74 3.93 22.16
N ALA B 93 -5.61 4.50 22.98
CA ALA B 93 -5.48 5.90 23.38
C ALA B 93 -4.26 6.12 24.26
N TYR B 94 -4.11 5.31 25.30
CA TYR B 94 -3.06 5.55 26.30
C TYR B 94 -1.68 5.34 25.72
N GLY B 95 -1.48 4.25 24.97
CA GLY B 95 -0.18 3.99 24.36
C GLY B 95 0.23 5.07 23.38
N SER B 96 -0.68 5.47 22.49
CA SER B 96 -0.37 6.47 21.48
C SER B 96 0.00 7.81 22.09
N LEU B 97 -0.68 8.18 23.19
CA LEU B 97 -0.34 9.43 23.86
C LEU B 97 1.09 9.42 24.37
N LEU B 98 1.47 8.35 25.08
CA LEU B 98 2.81 8.28 25.66
C LEU B 98 3.89 8.32 24.59
N GLY B 99 3.69 7.59 23.49
CA GLY B 99 4.67 7.53 22.43
C GLY B 99 4.64 8.68 21.45
N ALA B 100 3.62 9.54 21.53
CA ALA B 100 3.50 10.67 20.62
C ALA B 100 4.77 11.52 20.61
N ARG B 101 5.26 11.83 19.41
CA ARG B 101 6.38 12.72 19.20
C ARG B 101 6.03 13.72 18.11
N GLY B 102 6.43 14.98 18.30
CA GLY B 102 6.18 16.01 17.32
C GLY B 102 4.70 16.32 17.14
N ASN B 103 4.44 17.28 16.26
CA ASN B 103 3.07 17.69 15.98
C ASN B 103 2.25 16.53 15.42
N SER B 104 2.84 15.75 14.51
CA SER B 104 2.09 14.66 13.89
C SER B 104 1.76 13.57 14.90
N GLY B 105 2.68 13.29 15.83
CA GLY B 105 2.41 12.27 16.83
C GLY B 105 1.33 12.70 17.82
N VAL B 106 1.38 13.95 18.27
CA VAL B 106 0.35 14.45 19.19
C VAL B 106 -1.02 14.41 18.54
N ILE B 107 -1.12 14.92 17.30
CA ILE B 107 -2.39 14.94 16.60
C ILE B 107 -2.90 13.52 16.36
N LEU B 108 -2.01 12.64 15.90
CA LEU B 108 -2.39 11.25 15.67
C LEU B 108 -2.91 10.60 16.94
N SER B 109 -2.25 10.86 18.07
CA SER B 109 -2.68 10.26 19.34
C SER B 109 -4.09 10.72 19.70
N GLN B 110 -4.43 11.97 19.37
CA GLN B 110 -5.76 12.48 19.67
C GLN B 110 -6.80 12.01 18.66
N ILE B 111 -6.39 11.76 17.41
CA ILE B 111 -7.27 11.10 16.45
C ILE B 111 -7.62 9.70 16.94
N LEU B 112 -6.60 8.96 17.39
CA LEU B 112 -6.83 7.61 17.90
C LEU B 112 -7.68 7.62 19.18
N ARG B 113 -7.66 8.73 19.93
CA ARG B 113 -8.49 8.80 21.12
C ARG B 113 -9.96 8.93 20.76
N GLY B 114 -10.27 9.75 19.74
CA GLY B 114 -11.63 9.81 19.24
C GLY B 114 -12.06 8.48 18.64
N PHE B 115 -11.15 7.82 17.94
CA PHE B 115 -11.42 6.47 17.44
C PHE B 115 -11.74 5.52 18.59
N ALA B 116 -10.91 5.53 19.63
CA ALA B 116 -11.16 4.71 20.81
C ALA B 116 -12.51 5.04 21.46
N GLU B 117 -12.87 6.34 21.48
CA GLU B 117 -14.13 6.75 22.09
C GLU B 117 -15.32 6.05 21.45
N ALA B 118 -15.29 5.88 20.12
CA ALA B 118 -16.38 5.19 19.43
C ALA B 118 -16.49 3.72 19.84
N LEU B 119 -15.39 3.11 20.27
CA LEU B 119 -15.38 1.70 20.64
C LEU B 119 -15.98 1.42 22.02
N LYS B 120 -16.09 2.44 22.88
CA LYS B 120 -16.58 2.23 24.23
C LYS B 120 -18.01 1.71 24.21
N GLY B 121 -18.25 0.64 24.97
CA GLY B 121 -19.56 0.05 25.07
C GLY B 121 -19.91 -0.94 23.98
N LYS B 122 -19.01 -1.21 23.06
CA LYS B 122 -19.28 -2.08 21.93
C LYS B 122 -18.47 -3.36 22.04
N ARG B 123 -18.99 -4.42 21.39
CA ARG B 123 -18.35 -5.72 21.42
C ARG B 123 -17.63 -6.06 20.13
N ALA B 124 -17.99 -5.42 19.02
CA ALA B 124 -17.36 -5.68 17.74
C ALA B 124 -17.38 -4.39 16.92
N LEU B 125 -16.44 -4.31 15.98
CA LEU B 125 -16.33 -3.19 15.05
C LEU B 125 -16.80 -3.65 13.68
N ASP B 126 -17.94 -3.14 13.24
CA ASP B 126 -18.44 -3.41 11.90
C ASP B 126 -18.24 -2.17 11.02
N GLY B 127 -18.64 -2.28 9.76
CA GLY B 127 -18.48 -1.18 8.83
C GLY B 127 -19.10 0.11 9.32
N SER B 128 -20.31 0.01 9.88
CA SER B 128 -21.02 1.21 10.34
C SER B 128 -20.29 1.88 11.50
N LEU B 129 -19.77 1.10 12.44
CA LEU B 129 -19.02 1.68 13.56
C LEU B 129 -17.68 2.25 13.10
N LEU B 130 -17.04 1.62 12.11
CA LEU B 130 -15.78 2.16 11.59
C LEU B 130 -16.00 3.52 10.97
N ARG B 131 -17.13 3.71 10.26
CA ARG B 131 -17.53 5.02 9.78
C ARG B 131 -17.56 6.03 10.91
N ARG B 132 -18.32 5.72 11.96
CA ARG B 132 -18.40 6.59 13.14
C ARG B 132 -17.04 6.83 13.76
N ALA B 133 -16.22 5.78 13.87
CA ALA B 133 -14.91 5.92 14.52
C ALA B 133 -14.00 6.88 13.75
N LEU B 134 -13.97 6.78 12.42
CA LEU B 134 -13.12 7.67 11.63
C LEU B 134 -13.59 9.12 11.74
N ARG B 135 -14.89 9.34 11.80
CA ARG B 135 -15.41 10.70 11.93
C ARG B 135 -15.11 11.27 13.30
N MET B 136 -15.31 10.48 14.36
CA MET B 136 -15.04 10.96 15.71
C MET B 136 -13.53 11.18 15.91
N GLY B 137 -12.71 10.32 15.31
CA GLY B 137 -11.27 10.53 15.36
C GLY B 137 -10.85 11.87 14.76
N ALA B 138 -11.38 12.20 13.59
CA ALA B 138 -11.02 13.45 12.94
C ALA B 138 -11.44 14.65 13.77
N GLU B 139 -12.65 14.61 14.35
CA GLU B 139 -13.12 15.72 15.16
C GLU B 139 -12.25 15.88 16.41
N SER B 140 -11.87 14.78 17.04
CA SER B 140 -11.00 14.85 18.21
C SER B 140 -9.65 15.48 17.87
N GLY B 141 -9.11 15.16 16.69
CA GLY B 141 -7.89 15.80 16.25
C GLY B 141 -8.04 17.30 16.07
N TYR B 142 -9.21 17.74 15.57
CA TYR B 142 -9.43 19.17 15.38
C TYR B 142 -9.50 19.91 16.71
N LYS B 143 -10.26 19.38 17.67
CA LYS B 143 -10.38 20.04 18.97
C LYS B 143 -9.05 20.08 19.71
N ALA B 144 -8.17 19.12 19.43
CA ALA B 144 -6.90 19.05 20.16
C ALA B 144 -5.93 20.13 19.71
N VAL B 145 -5.93 20.47 18.42
CA VAL B 145 -4.98 21.44 17.88
C VAL B 145 -5.40 22.84 18.31
N MET B 146 -4.43 23.62 18.80
CA MET B 146 -4.72 24.96 19.30
C MET B 146 -5.16 25.88 18.16
N ARG B 147 -4.43 25.87 17.06
CA ARG B 147 -4.77 26.66 15.87
C ARG B 147 -4.72 25.75 14.66
N PRO B 148 -5.84 25.08 14.33
CA PRO B 148 -5.84 24.16 13.19
C PRO B 148 -5.51 24.87 11.88
N VAL B 149 -4.84 24.13 11.00
CA VAL B 149 -4.51 24.61 9.66
C VAL B 149 -4.96 23.56 8.65
N GLU B 150 -5.53 24.01 7.55
CA GLU B 150 -6.05 23.10 6.53
C GLU B 150 -4.96 22.73 5.54
N GLY B 151 -5.20 21.67 4.79
CA GLY B 151 -4.17 21.10 3.95
C GLY B 151 -3.23 20.18 4.69
N THR B 152 -3.70 19.57 5.78
CA THR B 152 -2.83 18.85 6.70
C THR B 152 -3.43 17.50 7.05
N ILE B 153 -2.84 16.81 8.04
CA ILE B 153 -3.42 15.58 8.57
C ILE B 153 -4.86 15.78 8.98
N LEU B 154 -5.22 16.98 9.46
CA LEU B 154 -6.60 17.22 9.87
C LEU B 154 -7.54 17.18 8.68
N THR B 155 -7.14 17.76 7.55
CA THR B 155 -7.97 17.74 6.35
C THR B 155 -8.11 16.32 5.80
N VAL B 156 -7.02 15.56 5.80
CA VAL B 156 -7.06 14.20 5.27
C VAL B 156 -7.88 13.29 6.16
N ALA B 157 -7.73 13.44 7.49
CA ALA B 157 -8.49 12.61 8.41
C ALA B 157 -10.00 12.89 8.30
N ARG B 158 -10.38 14.15 8.12
CA ARG B 158 -11.81 14.45 7.98
C ARG B 158 -12.38 13.88 6.68
N ALA B 159 -11.64 14.02 5.58
CA ALA B 159 -12.11 13.47 4.30
C ALA B 159 -12.31 11.97 4.38
N ALA B 160 -11.43 11.26 5.08
CA ALA B 160 -11.56 9.82 5.22
C ALA B 160 -12.87 9.45 5.91
N GLY B 161 -13.19 10.15 7.01
CA GLY B 161 -14.44 9.89 7.70
C GLY B 161 -15.65 10.32 6.89
N GLU B 162 -15.57 11.50 6.25
CA GLU B 162 -16.69 11.99 5.45
C GLU B 162 -17.00 11.08 4.28
N GLY B 163 -15.97 10.57 3.61
CA GLY B 163 -16.16 9.75 2.43
C GLY B 163 -16.30 8.26 2.68
N ALA B 164 -16.23 7.82 3.93
CA ALA B 164 -16.41 6.41 4.24
C ALA B 164 -17.87 6.02 4.08
N ARG B 165 -18.15 5.09 3.17
CA ARG B 165 -19.50 4.58 2.93
C ARG B 165 -19.52 3.06 2.92
N GLY B 166 -20.69 2.51 3.18
CA GLY B 166 -20.95 1.09 3.11
C GLY B 166 -21.21 0.48 4.47
N GLU B 167 -21.62 -0.78 4.43
CA GLU B 167 -21.89 -1.58 5.62
C GLU B 167 -20.81 -2.61 5.90
N ALA B 168 -20.22 -3.19 4.87
CA ALA B 168 -19.10 -4.10 5.04
C ALA B 168 -17.83 -3.32 5.34
N LEU B 169 -17.00 -3.89 6.22
CA LEU B 169 -15.70 -3.29 6.54
C LEU B 169 -14.91 -2.99 5.26
N GLU B 170 -14.89 -3.94 4.33
CA GLU B 170 -14.06 -3.81 3.13
C GLU B 170 -14.50 -2.61 2.30
N GLU B 171 -15.80 -2.38 2.20
CA GLU B 171 -16.30 -1.20 1.47
C GLU B 171 -15.96 0.09 2.18
N VAL B 172 -16.09 0.10 3.52
CA VAL B 172 -15.78 1.31 4.27
C VAL B 172 -14.30 1.66 4.15
N LEU B 173 -13.43 0.67 4.31
CA LEU B 173 -11.99 0.93 4.24
C LEU B 173 -11.58 1.38 2.85
N GLU B 174 -12.16 0.78 1.81
CA GLU B 174 -11.84 1.19 0.44
C GLU B 174 -12.26 2.64 0.19
N THR B 175 -13.50 2.99 0.53
CA THR B 175 -14.00 4.34 0.26
C THR B 175 -13.31 5.37 1.14
N ALA B 176 -13.04 5.03 2.40
CA ALA B 176 -12.29 5.94 3.26
C ALA B 176 -10.91 6.22 2.71
N LEU B 177 -10.22 5.18 2.25
CA LEU B 177 -8.87 5.35 1.70
C LEU B 177 -8.91 6.23 0.45
N GLU B 178 -9.89 6.01 -0.43
CA GLU B 178 -9.96 6.79 -1.66
C GLU B 178 -10.22 8.26 -1.38
N ALA B 179 -11.07 8.55 -0.39
CA ALA B 179 -11.31 9.95 -0.02
C ALA B 179 -10.07 10.59 0.59
N ALA B 180 -9.31 9.82 1.36
CA ALA B 180 -8.09 10.36 1.96
C ALA B 180 -7.03 10.66 0.89
N ARG B 181 -6.88 9.77 -0.09
CA ARG B 181 -5.90 10.00 -1.15
C ARG B 181 -6.26 11.21 -1.99
N GLU B 182 -7.55 11.42 -2.25
CA GLU B 182 -7.97 12.60 -3.00
C GLU B 182 -7.68 13.88 -2.22
N ALA B 183 -7.96 13.87 -0.91
CA ALA B 183 -7.64 15.02 -0.07
C ALA B 183 -6.14 15.24 0.02
N LEU B 184 -5.36 14.15 0.08
CA LEU B 184 -3.91 14.28 0.16
C LEU B 184 -3.35 14.99 -1.07
N GLU B 185 -3.83 14.61 -2.26
CA GLU B 185 -3.39 15.27 -3.48
C GLU B 185 -3.78 16.74 -3.52
N ARG B 186 -4.80 17.13 -2.74
CA ARG B 186 -5.24 18.52 -2.69
C ARG B 186 -4.50 19.35 -1.66
N THR B 187 -3.72 18.73 -0.78
CA THR B 187 -3.02 19.48 0.25
C THR B 187 -2.11 20.59 -0.28
N PRO B 188 -1.39 20.43 -1.40
CA PRO B 188 -0.58 21.56 -1.88
C PRO B 188 -1.40 22.76 -2.34
N GLU B 189 -2.66 22.55 -2.72
CA GLU B 189 -3.53 23.66 -3.12
C GLU B 189 -4.12 24.39 -1.93
N LEU B 190 -4.01 23.84 -0.73
CA LEU B 190 -4.51 24.50 0.48
C LEU B 190 -3.41 25.16 1.30
N LEU B 191 -2.19 24.66 1.22
CA LEU B 191 -1.08 25.15 2.04
C LEU B 191 0.06 25.54 1.10
N PRO B 192 0.25 26.84 0.85
CA PRO B 192 1.19 27.27 -0.20
C PRO B 192 2.62 26.77 -0.02
N VAL B 193 3.11 26.63 1.22
CA VAL B 193 4.48 26.16 1.41
C VAL B 193 4.67 24.76 0.83
N LEU B 194 3.61 23.96 0.79
CA LEU B 194 3.71 22.63 0.20
C LEU B 194 3.85 22.70 -1.32
N ARG B 195 3.01 23.50 -1.98
CA ARG B 195 3.16 23.70 -3.41
C ARG B 195 4.50 24.33 -3.74
N GLN B 196 4.95 25.26 -2.89
CA GLN B 196 6.24 25.91 -3.09
C GLN B 196 7.38 24.91 -3.07
N ALA B 197 7.28 23.89 -2.20
CA ALA B 197 8.30 22.85 -2.10
C ALA B 197 8.02 21.66 -3.01
N GLY B 198 6.84 21.60 -3.63
CA GLY B 198 6.52 20.49 -4.52
C GLY B 198 6.21 19.18 -3.83
N VAL B 199 5.67 19.23 -2.61
CA VAL B 199 5.35 18.02 -1.86
C VAL B 199 3.89 18.07 -1.43
N VAL B 200 3.37 16.90 -1.06
CA VAL B 200 2.10 16.81 -0.34
C VAL B 200 2.40 16.85 1.14
N ASP B 201 1.36 16.99 1.97
CA ASP B 201 1.57 17.10 3.41
C ASP B 201 2.06 15.77 3.97
N ALA B 202 3.16 15.83 4.73
CA ALA B 202 3.75 14.62 5.30
C ALA B 202 2.81 13.95 6.30
N GLY B 203 2.20 14.75 7.18
CA GLY B 203 1.29 14.19 8.17
C GLY B 203 0.10 13.50 7.54
N GLY B 204 -0.53 14.17 6.58
CA GLY B 204 -1.64 13.54 5.86
C GLY B 204 -1.23 12.31 5.09
N ALA B 205 -0.03 12.33 4.51
CA ALA B 205 0.47 11.14 3.81
C ALA B 205 0.68 9.98 4.77
N GLY B 206 1.16 10.26 5.98
CA GLY B 206 1.27 9.23 6.99
C GLY B 206 -0.08 8.62 7.34
N TYR B 207 -1.12 9.45 7.41
CA TYR B 207 -2.46 8.95 7.71
C TYR B 207 -2.97 8.06 6.59
N VAL B 208 -2.67 8.39 5.34
CA VAL B 208 -3.01 7.54 4.21
C VAL B 208 -2.35 6.18 4.37
N ARG B 209 -1.06 6.16 4.71
CA ARG B 209 -0.36 4.89 4.90
C ARG B 209 -0.97 4.08 6.03
N LEU B 210 -1.48 4.74 7.07
CA LEU B 210 -2.17 4.03 8.13
C LEU B 210 -3.46 3.40 7.63
N LEU B 211 -4.23 4.15 6.84
CA LEU B 211 -5.45 3.61 6.25
C LEU B 211 -5.14 2.47 5.28
N GLU B 212 -4.03 2.59 4.53
CA GLU B 212 -3.62 1.51 3.64
C GLU B 212 -3.37 0.22 4.43
N GLY B 213 -2.66 0.32 5.56
CA GLY B 213 -2.42 -0.87 6.36
C GLY B 213 -3.69 -1.51 6.88
N MET B 214 -4.65 -0.70 7.31
CA MET B 214 -5.92 -1.25 7.77
C MET B 214 -6.67 -1.96 6.65
N ARG B 215 -6.68 -1.37 5.44
CA ARG B 215 -7.30 -2.05 4.32
C ARG B 215 -6.58 -3.36 4.00
N GLY B 216 -5.24 -3.36 4.08
CA GLY B 216 -4.49 -4.58 3.81
C GLY B 216 -4.82 -5.69 4.77
N TYR B 217 -5.03 -5.35 6.05
CA TYR B 217 -5.43 -6.35 7.02
C TYR B 217 -6.80 -6.95 6.69
N ALA B 218 -7.75 -6.11 6.30
CA ALA B 218 -9.10 -6.59 6.02
C ALA B 218 -9.21 -7.31 4.68
N LEU B 219 -8.27 -7.08 3.77
CA LEU B 219 -8.32 -7.68 2.44
C LEU B 219 -7.85 -9.13 2.48
#